data_5UKN
#
_entry.id   5UKN
#
_cell.length_a   68.524
_cell.length_b   68.524
_cell.length_c   178.381
_cell.angle_alpha   90.00
_cell.angle_beta   90.00
_cell.angle_gamma   120.00
#
_symmetry.space_group_name_H-M   'P 31 2 1'
#
loop_
_entity.id
_entity.type
_entity.pdbx_description
1 polymer 'DH522UCA Fab fragment heavy chain'
2 polymer 'DH522UCA Fab fragment light chain'
3 non-polymer 'CHLORIDE ION'
4 water water
#
loop_
_entity_poly.entity_id
_entity_poly.type
_entity_poly.pdbx_seq_one_letter_code
_entity_poly.pdbx_strand_id
1 'polypeptide(L)'
;QVQLQESGPGLVKPSETLSLTCAVSGGSISDDYYWSWIRQPPGKGLEWIGYIYGSGGGTNYNPSLKNRVTISIDTSKNQF
SLKLSSVTAADTAVYYCARGSYNIVVLFGYYFDYWGQGVLVTVSSASTKGPSVFPLAPSSRSTSESTAALGCLVKDYFPE
PVTVSWNSGSLTSGVHTFPAVLQSSGLYSLSSVVTVPSSSLGTQTYVCNVNHKPSNTKVDKRVEIKTCGG
;
H
2 'polypeptide(L)'
;QSALTQPPSVSKSLGQSVTISCTGTSSDIGGYNGVSWYQQHSGTAPRLLIYEVSKRPSGVSDRFSGSKSGNTASLTISGL
QAEDEADYYCGSYRSGSTWVFGGGTRLTVLGQPKASPTVTLFPPSSEELQANKATLVCLISDFYPGVVKVAWKADGSAVN
AGVETTTPSKQSNNKYAASSYLSLTSDQWKSHKSYSCQVTHEGSTVEKTVAPAECS
;
L
#
loop_
_chem_comp.id
_chem_comp.type
_chem_comp.name
_chem_comp.formula
CL non-polymer 'CHLORIDE ION' 'Cl -1'
#
# COMPACT_ATOMS: atom_id res chain seq x y z
N GLN A 1 -18.85 -15.76 -5.36
CA GLN A 1 -18.70 -15.00 -4.12
C GLN A 1 -18.68 -13.49 -4.39
N VAL A 2 -19.24 -12.72 -3.46
CA VAL A 2 -19.31 -11.26 -3.59
C VAL A 2 -17.95 -10.60 -3.70
N GLN A 3 -17.78 -9.81 -4.74
CA GLN A 3 -16.55 -9.06 -4.96
C GLN A 3 -16.89 -7.64 -5.36
N LEU A 4 -16.20 -6.68 -4.76
CA LEU A 4 -16.33 -5.28 -5.17
C LEU A 4 -15.06 -4.86 -5.89
N GLN A 5 -15.20 -4.35 -7.10
CA GLN A 5 -14.05 -3.99 -7.92
C GLN A 5 -14.13 -2.53 -8.34
N GLU A 6 -13.15 -1.75 -7.88
CA GLU A 6 -13.13 -0.31 -8.17
C GLU A 6 -12.35 0.04 -9.41
N SER A 7 -12.80 1.09 -10.09
CA SER A 7 -12.08 1.62 -11.23
C SER A 7 -12.30 3.13 -11.32
N GLY A 8 -11.43 3.81 -12.04
CA GLY A 8 -11.59 5.25 -12.22
C GLY A 8 -10.24 5.91 -12.24
N PRO A 9 -10.17 7.14 -12.80
CA PRO A 9 -8.89 7.84 -12.93
C PRO A 9 -8.21 8.11 -11.59
N GLY A 10 -6.89 7.93 -11.57
CA GLY A 10 -6.13 8.14 -10.34
C GLY A 10 -5.48 9.51 -10.30
N LEU A 11 -5.81 10.35 -11.27
CA LEU A 11 -5.30 11.71 -11.35
C LEU A 11 -6.42 12.68 -11.68
N VAL A 12 -6.66 13.66 -10.81
CA VAL A 12 -7.70 14.67 -11.04
C VAL A 12 -7.12 16.07 -10.85
N LYS A 13 -7.42 16.98 -11.77
CA LYS A 13 -6.93 18.35 -11.61
C LYS A 13 -7.74 19.10 -10.56
N PRO A 14 -7.09 20.02 -9.82
CA PRO A 14 -7.83 20.85 -8.87
C PRO A 14 -8.99 21.60 -9.53
N SER A 15 -10.11 21.67 -8.80
CA SER A 15 -11.38 22.28 -9.18
C SER A 15 -12.19 21.38 -10.11
N GLU A 16 -11.64 20.27 -10.55
CA GLU A 16 -12.38 19.34 -11.41
C GLU A 16 -13.08 18.29 -10.58
N THR A 17 -13.74 17.34 -11.24
CA THR A 17 -14.52 16.34 -10.52
C THR A 17 -13.87 14.97 -10.53
N LEU A 18 -13.81 14.37 -9.34
CA LEU A 18 -13.35 13.00 -9.15
C LEU A 18 -14.51 12.03 -9.42
N SER A 19 -14.29 11.00 -10.23
CA SER A 19 -15.32 9.99 -10.47
C SER A 19 -14.75 8.59 -10.27
N LEU A 20 -15.40 7.79 -9.44
CA LEU A 20 -15.01 6.40 -9.31
C LEU A 20 -16.22 5.51 -9.45
N THR A 21 -15.99 4.26 -9.84
CA THR A 21 -17.08 3.29 -9.91
C THR A 21 -16.70 2.01 -9.19
N CYS A 22 -17.72 1.35 -8.66
CA CYS A 22 -17.54 0.10 -7.94
C CYS A 22 -18.41 -0.97 -8.60
N ALA A 23 -17.78 -1.92 -9.29
CA ALA A 23 -18.53 -2.96 -9.97
C ALA A 23 -18.74 -4.14 -9.05
N VAL A 24 -19.99 -4.53 -8.87
CA VAL A 24 -20.34 -5.61 -7.96
C VAL A 24 -20.56 -6.91 -8.71
N SER A 25 -19.97 -7.98 -8.21
CA SER A 25 -20.22 -9.31 -8.75
C SER A 25 -20.52 -10.27 -7.61
N GLY A 26 -21.30 -11.31 -7.91
CA GLY A 26 -21.68 -12.28 -6.90
C GLY A 26 -22.96 -11.92 -6.15
N GLY A 27 -23.56 -10.79 -6.52
CA GLY A 27 -24.80 -10.36 -5.91
C GLY A 27 -25.38 -9.17 -6.66
N SER A 28 -26.61 -8.80 -6.34
CA SER A 28 -27.28 -7.71 -7.05
C SER A 28 -27.16 -6.36 -6.35
N ILE A 29 -26.89 -5.33 -7.13
CA ILE A 29 -26.85 -3.97 -6.62
C ILE A 29 -28.24 -3.52 -6.11
N SER A 30 -29.28 -4.23 -6.56
CA SER A 30 -30.65 -3.90 -6.18
C SER A 30 -31.04 -4.42 -4.81
N ASP A 31 -30.15 -5.17 -4.16
CA ASP A 31 -30.51 -5.81 -2.89
C ASP A 31 -30.41 -4.83 -1.72
N ASP A 32 -30.84 -5.29 -0.55
CA ASP A 32 -30.94 -4.46 0.64
C ASP A 32 -29.60 -4.18 1.30
N TYR A 33 -28.76 -3.38 0.65
CA TYR A 33 -27.46 -3.00 1.22
C TYR A 33 -27.23 -1.50 1.14
N TYR A 34 -26.41 -1.01 2.06
CA TYR A 34 -25.95 0.37 2.00
C TYR A 34 -24.65 0.40 1.22
N TRP A 35 -24.73 0.71 -0.08
CA TRP A 35 -23.56 0.74 -0.93
C TRP A 35 -22.80 2.02 -0.65
N SER A 36 -21.61 1.89 -0.06
CA SER A 36 -20.96 3.02 0.59
C SER A 36 -19.59 3.36 0.03
N TRP A 37 -19.20 4.61 0.22
CA TRP A 37 -17.85 5.09 -0.11
C TRP A 37 -17.17 5.58 1.15
N ILE A 38 -15.87 5.29 1.23
CA ILE A 38 -15.04 5.61 2.40
C ILE A 38 -13.71 6.07 1.83
N ARG A 39 -13.06 7.05 2.46
CA ARG A 39 -11.74 7.41 1.96
C ARG A 39 -10.72 7.51 3.07
N GLN A 40 -9.45 7.54 2.67
CA GLN A 40 -8.35 7.57 3.62
C GLN A 40 -7.24 8.45 3.10
N PRO A 41 -7.23 9.72 3.53
CA PRO A 41 -6.14 10.62 3.15
C PRO A 41 -4.84 10.06 3.70
N PRO A 42 -3.72 10.37 3.04
CA PRO A 42 -2.42 9.81 3.44
C PRO A 42 -2.10 10.02 4.91
N GLY A 43 -1.76 8.91 5.59
CA GLY A 43 -1.39 8.98 7.00
C GLY A 43 -2.51 9.46 7.88
N LYS A 44 -3.75 9.32 7.41
CA LYS A 44 -4.86 9.68 8.25
C LYS A 44 -5.80 8.48 8.36
N GLY A 45 -6.93 8.69 9.02
CA GLY A 45 -7.82 7.57 9.28
C GLY A 45 -8.82 7.37 8.18
N LEU A 46 -9.68 6.37 8.35
CA LEU A 46 -10.81 6.16 7.46
C LEU A 46 -11.85 7.25 7.70
N GLU A 47 -12.43 7.74 6.62
CA GLU A 47 -13.49 8.75 6.69
C GLU A 47 -14.69 8.33 5.86
N TRP A 48 -15.88 8.32 6.48
CA TRP A 48 -17.12 7.99 5.78
C TRP A 48 -17.48 9.08 4.81
N ILE A 49 -17.85 8.72 3.58
CA ILE A 49 -18.30 9.70 2.59
C ILE A 49 -19.82 9.68 2.47
N GLY A 50 -20.38 8.48 2.33
CA GLY A 50 -21.82 8.35 2.19
C GLY A 50 -22.25 7.00 1.62
N TYR A 51 -23.55 6.85 1.41
CA TYR A 51 -24.08 5.62 0.82
C TYR A 51 -25.22 5.91 -0.13
N ILE A 52 -25.54 4.91 -0.94
CA ILE A 52 -26.81 4.85 -1.62
C ILE A 52 -27.44 3.50 -1.25
N TYR A 53 -28.73 3.50 -0.94
CA TYR A 53 -29.42 2.29 -0.54
C TYR A 53 -29.87 1.50 -1.78
N GLY A 54 -29.57 0.21 -1.81
CA GLY A 54 -29.76 -0.59 -3.01
C GLY A 54 -31.20 -0.69 -3.47
N SER A 55 -32.12 -0.79 -2.51
CA SER A 55 -33.53 -0.96 -2.83
C SER A 55 -34.32 0.32 -2.66
N GLY A 56 -34.12 1.27 -3.57
CA GLY A 56 -34.90 2.50 -3.56
C GLY A 56 -34.06 3.68 -4.04
N GLY A 57 -32.77 3.61 -3.77
CA GLY A 57 -31.83 4.60 -4.24
C GLY A 57 -31.64 5.82 -3.37
N GLY A 58 -32.18 5.79 -2.15
CA GLY A 58 -32.00 6.89 -1.22
C GLY A 58 -30.54 7.05 -0.85
N THR A 59 -30.11 8.29 -0.66
CA THR A 59 -28.71 8.56 -0.33
C THR A 59 -28.59 9.34 0.96
N ASN A 60 -27.41 9.29 1.57
CA ASN A 60 -27.08 10.19 2.65
C ASN A 60 -25.57 10.35 2.66
N TYR A 61 -25.10 11.56 2.94
CA TYR A 61 -23.68 11.87 2.80
C TYR A 61 -23.13 12.51 4.07
N ASN A 62 -21.81 12.46 4.20
CA ASN A 62 -21.10 13.20 5.22
C ASN A 62 -21.30 14.71 5.02
N PRO A 63 -21.88 15.40 6.03
CA PRO A 63 -22.18 16.84 5.92
C PRO A 63 -20.95 17.68 5.61
N SER A 64 -19.77 17.17 5.96
CA SER A 64 -18.51 17.83 5.60
C SER A 64 -18.31 17.87 4.09
N LEU A 65 -19.00 16.98 3.38
CA LEU A 65 -18.89 16.85 1.92
C LEU A 65 -20.22 16.88 1.18
N LYS A 66 -21.34 17.02 1.90
CA LYS A 66 -22.67 16.88 1.30
C LYS A 66 -22.88 17.83 0.11
N ASN A 67 -22.21 18.97 0.15
CA ASN A 67 -22.24 19.92 -0.96
C ASN A 67 -21.67 19.34 -2.27
N ARG A 68 -20.66 18.50 -2.15
CA ARG A 68 -19.83 18.14 -3.30
C ARG A 68 -19.98 16.69 -3.75
N VAL A 69 -20.76 15.90 -3.01
CA VAL A 69 -20.81 14.46 -3.23
C VAL A 69 -22.07 14.03 -3.96
N THR A 70 -21.92 13.11 -4.92
CA THR A 70 -23.08 12.43 -5.50
C THR A 70 -22.78 10.95 -5.58
N ILE A 71 -23.69 10.13 -5.07
CA ILE A 71 -23.53 8.69 -5.20
C ILE A 71 -24.71 8.15 -6.01
N SER A 72 -24.39 7.32 -6.99
CA SER A 72 -25.38 6.85 -7.96
C SER A 72 -25.27 5.34 -8.16
N ILE A 73 -26.36 4.75 -8.67
CA ILE A 73 -26.40 3.35 -9.08
C ILE A 73 -26.69 3.23 -10.57
N ASP A 74 -25.99 2.31 -11.24
CA ASP A 74 -26.34 1.89 -12.59
C ASP A 74 -26.74 0.41 -12.55
N THR A 75 -28.04 0.14 -12.57
CA THR A 75 -28.55 -1.23 -12.37
C THR A 75 -28.08 -2.20 -13.46
N SER A 76 -28.17 -1.79 -14.72
CA SER A 76 -27.42 -2.45 -15.77
C SER A 76 -25.98 -2.07 -15.49
N LYS A 77 -25.04 -3.00 -15.68
CA LYS A 77 -23.64 -2.91 -15.26
C LYS A 77 -23.47 -3.33 -13.81
N ASN A 78 -24.56 -3.37 -13.04
CA ASN A 78 -24.51 -3.80 -11.64
C ASN A 78 -23.44 -3.07 -10.84
N GLN A 79 -23.51 -1.74 -10.87
CA GLN A 79 -22.46 -0.87 -10.33
C GLN A 79 -23.03 0.26 -9.51
N PHE A 80 -22.20 0.85 -8.65
CA PHE A 80 -22.52 2.16 -8.10
C PHE A 80 -21.27 3.04 -8.17
N SER A 81 -21.47 4.35 -8.03
CA SER A 81 -20.40 5.28 -8.35
C SER A 81 -20.33 6.46 -7.39
N LEU A 82 -19.19 7.11 -7.39
CA LEU A 82 -18.97 8.30 -6.60
C LEU A 82 -18.54 9.43 -7.51
N LYS A 83 -19.14 10.61 -7.31
CA LYS A 83 -18.65 11.83 -7.93
C LYS A 83 -18.39 12.87 -6.84
N LEU A 84 -17.18 13.42 -6.84
CA LEU A 84 -16.84 14.45 -5.87
C LEU A 84 -16.36 15.68 -6.62
N SER A 85 -17.11 16.77 -6.53
CA SER A 85 -16.83 17.95 -7.35
C SER A 85 -15.84 18.91 -6.69
N SER A 86 -15.31 19.82 -7.51
CA SER A 86 -14.43 20.91 -7.07
C SER A 86 -13.35 20.45 -6.11
N VAL A 87 -12.57 19.48 -6.54
CA VAL A 87 -11.60 18.87 -5.64
C VAL A 87 -10.41 19.77 -5.38
N THR A 88 -9.78 19.55 -4.23
CA THR A 88 -8.53 20.22 -3.90
C THR A 88 -7.56 19.16 -3.41
N ALA A 89 -6.32 19.56 -3.12
CA ALA A 89 -5.32 18.62 -2.60
C ALA A 89 -5.81 17.92 -1.32
N ALA A 90 -6.73 18.54 -0.60
CA ALA A 90 -7.32 17.91 0.59
C ALA A 90 -8.09 16.63 0.25
N ASP A 91 -8.42 16.44 -1.01
CA ASP A 91 -9.20 15.27 -1.43
C ASP A 91 -8.33 14.13 -1.94
N THR A 92 -7.01 14.35 -1.98
CA THR A 92 -6.10 13.25 -2.28
C THR A 92 -6.21 12.18 -1.21
N ALA A 93 -6.49 10.95 -1.62
CA ALA A 93 -6.76 9.87 -0.67
C ALA A 93 -6.89 8.55 -1.41
N VAL A 94 -6.84 7.45 -0.65
CA VAL A 94 -7.28 6.17 -1.18
C VAL A 94 -8.79 6.09 -0.98
N TYR A 95 -9.53 5.82 -2.05
CA TYR A 95 -10.99 5.72 -1.95
C TYR A 95 -11.43 4.27 -1.99
N TYR A 96 -12.27 3.87 -1.04
CA TYR A 96 -12.80 2.51 -0.97
C TYR A 96 -14.30 2.49 -1.15
N CYS A 97 -14.81 1.51 -1.88
CA CYS A 97 -16.25 1.22 -1.83
C CYS A 97 -16.45 0.05 -0.85
N ALA A 98 -17.63 -0.07 -0.27
CA ALA A 98 -17.89 -1.15 0.67
C ALA A 98 -19.36 -1.45 0.74
N ARG A 99 -19.68 -2.69 1.12
CA ARG A 99 -21.07 -3.10 1.28
C ARG A 99 -21.50 -3.03 2.74
N GLY A 100 -22.47 -2.15 3.03
CA GLY A 100 -23.03 -2.05 4.36
C GLY A 100 -24.15 -3.06 4.53
N SER A 101 -23.95 -4.02 5.43
N SER A 101 -23.94 -4.01 5.43
CA SER A 101 -24.91 -5.09 5.67
CA SER A 101 -24.93 -5.06 5.68
C SER A 101 -25.62 -4.92 7.01
C SER A 101 -25.63 -4.88 7.02
N TYR A 102 -26.95 -5.10 7.03
CA TYR A 102 -27.72 -4.91 8.25
C TYR A 102 -28.76 -5.97 8.50
N ASN A 103 -29.25 -5.98 9.73
CA ASN A 103 -30.35 -6.83 10.14
C ASN A 103 -31.54 -5.96 10.58
N ILE A 104 -31.37 -5.28 11.71
CA ILE A 104 -32.34 -4.30 12.18
C ILE A 104 -31.57 -3.03 12.52
N VAL A 105 -31.67 -2.03 11.65
CA VAL A 105 -30.86 -0.81 11.79
C VAL A 105 -31.03 -0.13 13.14
N VAL A 106 -32.26 0.01 13.61
CA VAL A 106 -32.50 0.76 14.84
C VAL A 106 -31.98 0.02 16.08
N LEU A 107 -31.70 -1.27 15.96
CA LEU A 107 -31.14 -2.05 17.09
C LEU A 107 -29.63 -2.32 16.99
N PHE A 108 -29.13 -2.55 15.79
CA PHE A 108 -27.74 -2.98 15.59
C PHE A 108 -26.96 -2.18 14.55
N GLY A 109 -27.58 -1.18 13.93
CA GLY A 109 -26.92 -0.44 12.85
C GLY A 109 -26.58 -1.30 11.65
N TYR A 110 -25.38 -1.12 11.09
CA TYR A 110 -24.90 -2.00 10.01
C TYR A 110 -23.39 -2.02 9.99
N TYR A 111 -22.80 -2.86 9.17
CA TYR A 111 -21.35 -2.97 9.16
C TYR A 111 -20.87 -3.28 7.74
N PHE A 112 -19.58 -3.08 7.50
CA PHE A 112 -19.03 -3.23 6.16
C PHE A 112 -18.35 -4.58 6.01
N ASP A 113 -19.00 -5.54 5.36
CA ASP A 113 -18.42 -6.87 5.28
C ASP A 113 -17.54 -7.08 4.06
N TYR A 114 -17.88 -6.47 2.93
CA TYR A 114 -17.04 -6.58 1.75
C TYR A 114 -16.56 -5.22 1.31
N TRP A 115 -15.31 -5.16 0.87
CA TRP A 115 -14.63 -3.91 0.54
C TRP A 115 -14.03 -3.99 -0.85
N GLY A 116 -14.00 -2.87 -1.55
CA GLY A 116 -13.22 -2.75 -2.78
C GLY A 116 -11.73 -2.73 -2.46
N GLN A 117 -10.89 -2.82 -3.48
CA GLN A 117 -9.46 -2.92 -3.29
C GLN A 117 -8.85 -1.58 -2.92
N GLY A 118 -9.56 -0.49 -3.21
CA GLY A 118 -9.05 0.84 -2.93
C GLY A 118 -8.38 1.40 -4.17
N VAL A 119 -8.67 2.66 -4.46
CA VAL A 119 -8.03 3.38 -5.57
C VAL A 119 -7.41 4.66 -5.05
N LEU A 120 -6.11 4.86 -5.31
CA LEU A 120 -5.49 6.11 -4.94
C LEU A 120 -5.89 7.19 -5.95
N VAL A 121 -6.48 8.27 -5.49
CA VAL A 121 -6.70 9.42 -6.36
C VAL A 121 -5.85 10.57 -5.88
N THR A 122 -5.00 11.06 -6.76
CA THR A 122 -4.13 12.19 -6.51
C THR A 122 -4.68 13.45 -7.16
N VAL A 123 -4.87 14.48 -6.36
CA VAL A 123 -5.33 15.75 -6.92
C VAL A 123 -4.11 16.64 -7.16
N SER A 124 -3.84 16.92 -8.43
CA SER A 124 -2.59 17.59 -8.79
C SER A 124 -2.73 18.22 -10.15
N SER A 125 -2.01 19.31 -10.40
CA SER A 125 -2.01 19.87 -11.74
C SER A 125 -0.87 19.28 -12.59
N ALA A 126 -0.04 18.43 -11.98
CA ALA A 126 1.04 17.77 -12.73
C ALA A 126 0.46 16.80 -13.77
N SER A 127 1.16 16.64 -14.89
CA SER A 127 0.65 15.80 -15.97
C SER A 127 1.14 14.37 -15.86
N THR A 128 0.38 13.46 -16.48
CA THR A 128 0.74 12.05 -16.52
C THR A 128 2.06 11.85 -17.23
N LYS A 129 2.91 11.01 -16.66
CA LYS A 129 4.15 10.62 -17.31
C LYS A 129 4.39 9.12 -17.21
N GLY A 130 4.62 8.49 -18.37
CA GLY A 130 4.92 7.08 -18.40
C GLY A 130 6.37 6.81 -18.02
N PRO A 131 6.65 5.60 -17.55
CA PRO A 131 7.99 5.27 -17.08
C PRO A 131 8.97 4.96 -18.17
N SER A 132 10.26 5.08 -17.85
CA SER A 132 11.33 4.49 -18.64
C SER A 132 11.78 3.25 -17.89
N VAL A 133 11.92 2.13 -18.59
CA VAL A 133 12.26 0.86 -17.92
C VAL A 133 13.64 0.42 -18.37
N PHE A 134 14.51 0.14 -17.40
CA PHE A 134 15.88 -0.25 -17.67
C PHE A 134 16.17 -1.61 -17.03
N PRO A 135 16.95 -2.44 -17.73
CA PRO A 135 17.28 -3.75 -17.17
C PRO A 135 18.34 -3.63 -16.10
N LEU A 136 18.25 -4.48 -15.08
CA LEU A 136 19.30 -4.63 -14.10
C LEU A 136 19.92 -6.00 -14.30
N ALA A 137 21.07 -6.03 -14.99
CA ALA A 137 21.67 -7.29 -15.43
C ALA A 137 22.00 -8.19 -14.24
N PRO A 138 21.94 -9.52 -14.44
CA PRO A 138 22.15 -10.49 -13.38
C PRO A 138 23.44 -10.30 -12.58
N SER A 139 23.28 -10.48 -11.28
CA SER A 139 24.40 -10.38 -10.35
C SER A 139 24.29 -11.53 -9.36
N SER A 140 25.36 -12.34 -9.26
CA SER A 140 25.31 -13.55 -8.45
C SER A 140 25.74 -13.36 -7.01
N ARG A 141 26.45 -12.27 -6.72
CA ARG A 141 27.20 -12.23 -5.46
C ARG A 141 26.36 -12.23 -4.18
N SER A 142 25.14 -11.67 -4.23
N SER A 142 25.14 -11.67 -4.24
CA SER A 142 24.35 -11.50 -3.01
CA SER A 142 24.34 -11.48 -3.04
C SER A 142 23.31 -12.60 -2.81
C SER A 142 23.26 -12.56 -2.85
N THR A 143 23.28 -13.57 -3.71
CA THR A 143 22.28 -14.65 -3.62
C THR A 143 22.88 -16.00 -3.30
N SER A 144 22.01 -16.99 -3.11
CA SER A 144 22.46 -18.33 -2.80
C SER A 144 23.37 -18.88 -3.88
N GLU A 145 24.12 -19.92 -3.53
CA GLU A 145 24.92 -20.64 -4.50
C GLU A 145 23.99 -21.06 -5.64
N SER A 146 24.49 -21.03 -6.86
CA SER A 146 23.75 -21.48 -8.04
C SER A 146 22.56 -20.60 -8.44
N THR A 147 22.40 -19.44 -7.81
CA THR A 147 21.41 -18.47 -8.29
C THR A 147 22.04 -17.11 -8.54
N ALA A 148 21.29 -16.25 -9.23
CA ALA A 148 21.67 -14.86 -9.47
C ALA A 148 20.43 -13.97 -9.37
N ALA A 149 20.62 -12.70 -9.02
CA ALA A 149 19.52 -11.73 -9.02
C ALA A 149 19.55 -10.87 -10.26
N LEU A 150 18.39 -10.69 -10.89
CA LEU A 150 18.30 -9.75 -11.99
C LEU A 150 17.02 -8.93 -11.79
N GLY A 151 16.88 -7.82 -12.51
CA GLY A 151 15.70 -7.00 -12.26
C GLY A 151 15.45 -5.96 -13.31
N CYS A 152 14.46 -5.12 -13.07
CA CYS A 152 14.30 -3.94 -13.91
C CYS A 152 13.99 -2.73 -13.02
N LEU A 153 14.55 -1.60 -13.46
CA LEU A 153 14.34 -0.29 -12.86
C LEU A 153 13.23 0.43 -13.62
N VAL A 154 12.20 0.89 -12.88
CA VAL A 154 11.08 1.60 -13.50
C VAL A 154 11.21 3.06 -13.08
N LYS A 155 11.65 3.90 -14.00
CA LYS A 155 12.09 5.24 -13.66
C LYS A 155 11.12 6.34 -14.12
N ASP A 156 10.86 7.28 -13.22
CA ASP A 156 10.22 8.56 -13.55
C ASP A 156 8.82 8.49 -14.12
N TYR A 157 7.88 7.97 -13.34
CA TYR A 157 6.49 7.93 -13.76
C TYR A 157 5.65 8.72 -12.78
N PHE A 158 4.45 9.11 -13.22
CA PHE A 158 3.48 9.81 -12.39
C PHE A 158 2.12 9.67 -13.03
N PRO A 159 1.08 9.41 -12.24
CA PRO A 159 1.09 9.19 -10.79
C PRO A 159 1.34 7.73 -10.48
N GLU A 160 1.24 7.37 -9.22
CA GLU A 160 1.24 5.96 -8.84
C GLU A 160 -0.10 5.36 -9.30
N PRO A 161 -0.19 4.04 -9.45
CA PRO A 161 0.87 3.04 -9.24
C PRO A 161 1.39 2.40 -10.50
N VAL A 162 2.50 1.69 -10.34
CA VAL A 162 3.03 0.78 -11.34
C VAL A 162 2.93 -0.65 -10.79
N THR A 163 2.58 -1.61 -11.63
CA THR A 163 2.71 -3.01 -11.24
C THR A 163 3.69 -3.73 -12.14
N VAL A 164 4.38 -4.72 -11.58
CA VAL A 164 5.34 -5.50 -12.34
C VAL A 164 5.08 -6.99 -12.22
N SER A 165 5.18 -7.68 -13.34
CA SER A 165 5.20 -9.14 -13.32
C SER A 165 6.41 -9.61 -14.12
N TRP A 166 6.67 -10.90 -14.09
CA TRP A 166 7.79 -11.48 -14.81
C TRP A 166 7.32 -12.60 -15.71
N ASN A 167 7.80 -12.57 -16.96
CA ASN A 167 7.43 -13.56 -17.97
C ASN A 167 5.91 -13.76 -18.05
N SER A 168 5.18 -12.65 -18.06
CA SER A 168 3.72 -12.65 -18.19
C SER A 168 3.02 -13.34 -17.01
N GLY A 169 3.63 -13.29 -15.84
CA GLY A 169 3.02 -13.86 -14.65
C GLY A 169 3.34 -15.33 -14.45
N SER A 170 4.16 -15.88 -15.35
CA SER A 170 4.55 -17.29 -15.29
C SER A 170 5.70 -17.49 -14.30
N LEU A 171 6.41 -16.41 -14.01
CA LEU A 171 7.50 -16.43 -13.04
C LEU A 171 7.08 -15.68 -11.79
N THR A 172 6.93 -16.39 -10.67
CA THR A 172 6.42 -15.75 -9.46
C THR A 172 7.30 -16.00 -8.24
N SER A 173 7.93 -17.16 -8.21
CA SER A 173 8.80 -17.52 -7.11
C SER A 173 10.06 -16.66 -7.16
N GLY A 174 10.43 -16.08 -6.02
CA GLY A 174 11.68 -15.34 -5.93
C GLY A 174 11.58 -13.91 -6.42
N VAL A 175 10.37 -13.47 -6.74
CA VAL A 175 10.14 -12.10 -7.21
C VAL A 175 9.99 -11.19 -6.02
N HIS A 176 10.64 -10.03 -6.06
CA HIS A 176 10.46 -9.01 -5.04
C HIS A 176 10.37 -7.65 -5.71
N THR A 177 9.17 -7.07 -5.70
CA THR A 177 9.01 -5.71 -6.22
C THR A 177 8.99 -4.76 -5.04
N PHE A 178 9.87 -3.76 -5.08
CA PHE A 178 10.05 -2.85 -3.97
C PHE A 178 9.09 -1.67 -4.06
N PRO A 179 8.68 -1.13 -2.90
CA PRO A 179 7.88 0.10 -2.92
C PRO A 179 8.59 1.25 -3.60
N ALA A 180 7.82 2.10 -4.26
CA ALA A 180 8.37 3.22 -5.00
C ALA A 180 9.03 4.30 -4.12
N VAL A 181 10.02 4.95 -4.71
CA VAL A 181 10.64 6.13 -4.12
C VAL A 181 10.06 7.36 -4.81
N LEU A 182 9.92 8.45 -4.05
CA LEU A 182 9.46 9.71 -4.62
C LEU A 182 10.64 10.65 -4.72
N GLN A 183 10.87 11.16 -5.93
CA GLN A 183 11.98 12.05 -6.21
C GLN A 183 11.57 13.50 -5.98
N SER A 184 12.55 14.38 -5.82
CA SER A 184 12.32 15.81 -5.68
C SER A 184 11.57 16.36 -6.90
N SER A 185 11.76 15.72 -8.04
CA SER A 185 11.10 16.12 -9.28
C SER A 185 9.58 15.95 -9.23
N GLY A 186 9.11 15.14 -8.29
CA GLY A 186 7.71 14.82 -8.18
C GLY A 186 7.35 13.51 -8.87
N LEU A 187 8.33 12.89 -9.52
CA LEU A 187 8.13 11.62 -10.20
C LEU A 187 8.56 10.44 -9.33
N TYR A 188 7.97 9.28 -9.59
CA TYR A 188 8.25 8.06 -8.81
C TYR A 188 9.18 7.13 -9.56
N SER A 189 9.88 6.28 -8.82
CA SER A 189 10.67 5.20 -9.41
C SER A 189 10.54 3.97 -8.51
N LEU A 190 10.57 2.77 -9.10
CA LEU A 190 10.66 1.57 -8.29
C LEU A 190 11.52 0.54 -8.98
N SER A 191 11.84 -0.55 -8.28
CA SER A 191 12.61 -1.64 -8.89
C SER A 191 11.95 -2.97 -8.56
N SER A 192 12.11 -3.93 -9.46
CA SER A 192 11.65 -5.29 -9.18
C SER A 192 12.78 -6.23 -9.49
N VAL A 193 13.04 -7.18 -8.59
CA VAL A 193 14.12 -8.14 -8.79
C VAL A 193 13.60 -9.55 -8.65
N VAL A 194 14.26 -10.48 -9.34
CA VAL A 194 13.92 -11.87 -9.16
C VAL A 194 15.19 -12.69 -9.10
N THR A 195 15.18 -13.72 -8.26
CA THR A 195 16.32 -14.60 -8.08
C THR A 195 16.08 -15.83 -8.91
N VAL A 196 17.02 -16.15 -9.79
CA VAL A 196 16.83 -17.25 -10.74
C VAL A 196 18.04 -18.16 -10.74
N PRO A 197 17.85 -19.41 -11.19
CA PRO A 197 18.99 -20.32 -11.23
C PRO A 197 20.06 -19.85 -12.22
N SER A 198 21.32 -19.84 -11.77
CA SER A 198 22.45 -19.43 -12.61
C SER A 198 22.54 -20.28 -13.86
N SER A 199 22.16 -21.55 -13.72
CA SER A 199 22.09 -22.49 -14.82
C SER A 199 21.22 -22.00 -15.97
N SER A 200 20.14 -21.30 -15.63
CA SER A 200 19.15 -20.91 -16.63
C SER A 200 19.59 -19.72 -17.48
N LEU A 201 20.58 -18.97 -16.99
CA LEU A 201 21.01 -17.75 -17.66
C LEU A 201 21.55 -18.03 -19.04
N GLY A 202 21.17 -17.21 -20.01
CA GLY A 202 21.61 -17.39 -21.38
C GLY A 202 20.67 -18.24 -22.22
N THR A 203 20.05 -19.24 -21.60
CA THR A 203 19.07 -20.07 -22.29
C THR A 203 17.66 -19.55 -22.02
N GLN A 204 17.28 -19.44 -20.75
CA GLN A 204 15.96 -18.93 -20.40
C GLN A 204 15.86 -17.41 -20.52
N THR A 205 14.85 -16.93 -21.23
CA THR A 205 14.62 -15.50 -21.34
C THR A 205 13.89 -14.95 -20.11
N TYR A 206 14.28 -13.77 -19.66
CA TYR A 206 13.62 -13.11 -18.55
C TYR A 206 13.16 -11.73 -18.96
N VAL A 207 11.85 -11.52 -18.88
CA VAL A 207 11.21 -10.27 -19.28
C VAL A 207 10.39 -9.73 -18.13
N CYS A 208 10.60 -8.47 -17.76
CA CYS A 208 9.76 -7.84 -16.75
C CYS A 208 8.65 -7.09 -17.47
N ASN A 209 7.42 -7.33 -17.03
CA ASN A 209 6.24 -6.71 -17.61
C ASN A 209 5.78 -5.57 -16.72
N VAL A 210 5.98 -4.35 -17.18
CA VAL A 210 5.71 -3.18 -16.36
C VAL A 210 4.43 -2.51 -16.81
N ASN A 211 3.45 -2.41 -15.91
CA ASN A 211 2.19 -1.79 -16.26
C ASN A 211 1.98 -0.46 -15.53
N HIS A 212 1.74 0.59 -16.29
CA HIS A 212 1.40 1.88 -15.73
C HIS A 212 0.05 2.29 -16.31
N LYS A 213 -1.02 1.73 -15.74
CA LYS A 213 -2.37 2.05 -16.22
C LYS A 213 -2.68 3.56 -16.32
N PRO A 214 -2.21 4.38 -15.36
CA PRO A 214 -2.50 5.82 -15.52
C PRO A 214 -1.99 6.46 -16.82
N SER A 215 -0.96 5.90 -17.46
CA SER A 215 -0.56 6.43 -18.76
C SER A 215 -0.90 5.47 -19.90
N ASN A 216 -1.69 4.44 -19.60
CA ASN A 216 -2.04 3.41 -20.58
C ASN A 216 -0.80 2.90 -21.31
N THR A 217 0.23 2.62 -20.53
CA THR A 217 1.51 2.18 -21.04
C THR A 217 1.88 0.84 -20.43
N LYS A 218 2.40 -0.09 -21.25
CA LYS A 218 3.06 -1.28 -20.72
C LYS A 218 4.39 -1.44 -21.41
N VAL A 219 5.41 -1.84 -20.64
CA VAL A 219 6.72 -2.11 -21.20
C VAL A 219 7.14 -3.53 -20.82
N ASP A 220 7.52 -4.31 -21.82
CA ASP A 220 8.10 -5.63 -21.57
C ASP A 220 9.57 -5.58 -21.88
N LYS A 221 10.38 -5.57 -20.82
CA LYS A 221 11.80 -5.33 -20.97
C LYS A 221 12.58 -6.61 -20.75
N ARG A 222 13.32 -7.05 -21.77
CA ARG A 222 14.16 -8.23 -21.64
C ARG A 222 15.42 -7.89 -20.86
N VAL A 223 15.83 -8.79 -19.96
CA VAL A 223 16.99 -8.56 -19.10
C VAL A 223 18.05 -9.59 -19.41
N GLU A 224 19.22 -9.14 -19.86
CA GLU A 224 20.30 -10.05 -20.23
C GLU A 224 21.61 -9.62 -19.62
N ILE A 225 22.62 -10.49 -19.70
CA ILE A 225 23.97 -10.11 -19.27
C ILE A 225 24.44 -8.88 -20.05
N LYS A 226 25.30 -8.08 -19.43
CA LYS A 226 25.82 -6.88 -20.06
C LYS A 226 26.92 -7.22 -21.08
N THR A 227 27.01 -6.43 -22.15
CA THR A 227 28.09 -6.59 -23.13
C THR A 227 28.68 -5.24 -23.52
N ALA B 3 -14.70 12.39 16.91
CA ALA B 3 -15.42 11.24 16.38
C ALA B 3 -15.52 10.14 17.44
N LEU B 4 -15.15 8.93 17.04
CA LEU B 4 -14.89 7.87 18.00
C LEU B 4 -13.40 7.98 18.35
N THR B 5 -13.08 7.97 19.64
CA THR B 5 -11.72 8.22 20.12
C THR B 5 -10.97 6.93 20.44
N GLN B 6 -9.84 6.71 19.75
CA GLN B 6 -8.95 5.57 19.98
C GLN B 6 -7.56 6.10 20.34
N PRO B 7 -6.78 5.32 21.11
CA PRO B 7 -5.39 5.73 21.32
C PRO B 7 -4.59 5.66 20.01
N PRO B 8 -3.67 6.60 19.77
CA PRO B 8 -2.95 6.56 18.48
C PRO B 8 -2.14 5.29 18.27
N SER B 9 -1.64 4.73 19.37
CA SER B 9 -0.81 3.53 19.26
C SER B 9 -0.89 2.70 20.53
N VAL B 10 -0.62 1.41 20.38
CA VAL B 10 -0.40 0.54 21.53
C VAL B 10 0.77 -0.36 21.18
N SER B 11 1.50 -0.82 22.20
CA SER B 11 2.61 -1.72 21.95
C SER B 11 2.66 -2.83 23.00
N LYS B 12 2.83 -4.06 22.52
CA LYS B 12 2.89 -5.21 23.38
C LYS B 12 3.87 -6.19 22.78
N SER B 13 4.28 -7.20 23.55
CA SER B 13 5.27 -8.16 23.08
C SER B 13 4.61 -9.44 22.57
N LEU B 14 5.35 -10.23 21.81
CA LEU B 14 4.86 -11.51 21.30
C LEU B 14 4.21 -12.34 22.39
N GLY B 15 3.04 -12.90 22.09
CA GLY B 15 2.35 -13.79 22.99
C GLY B 15 1.46 -13.11 24.01
N GLN B 16 1.59 -11.79 24.15
CA GLN B 16 0.77 -11.07 25.12
C GLN B 16 -0.60 -10.75 24.55
N SER B 17 -1.47 -10.21 25.39
CA SER B 17 -2.76 -9.71 24.92
C SER B 17 -2.72 -8.19 24.91
N VAL B 18 -3.57 -7.60 24.09
CA VAL B 18 -3.69 -6.15 24.06
C VAL B 18 -5.16 -5.81 23.92
N THR B 19 -5.58 -4.71 24.55
CA THR B 19 -6.94 -4.23 24.40
C THR B 19 -6.91 -2.81 23.87
N ILE B 20 -7.71 -2.56 22.84
CA ILE B 20 -7.79 -1.25 22.19
C ILE B 20 -9.16 -0.66 22.46
N SER B 21 -9.21 0.55 23.00
CA SER B 21 -10.48 1.17 23.36
C SER B 21 -10.97 2.10 22.26
N CYS B 22 -12.26 2.38 22.29
CA CYS B 22 -12.93 3.19 21.29
C CYS B 22 -14.05 3.93 22.01
N THR B 23 -13.87 5.22 22.29
CA THR B 23 -14.87 5.95 23.06
C THR B 23 -15.74 6.83 22.18
N GLY B 24 -17.04 6.56 22.22
CA GLY B 24 -18.01 7.29 21.43
C GLY B 24 -19.07 7.94 22.30
N THR B 25 -20.30 7.91 21.82
CA THR B 25 -21.41 8.60 22.48
C THR B 25 -22.61 7.68 22.62
N SER B 26 -23.66 8.18 23.29
CA SER B 26 -24.87 7.40 23.43
C SER B 26 -25.70 7.40 22.14
N SER B 27 -25.19 8.07 21.10
CA SER B 27 -25.88 8.12 19.81
C SER B 27 -25.28 7.14 18.81
N ASP B 28 -24.24 6.44 19.25
CA ASP B 28 -23.59 5.45 18.39
C ASP B 28 -23.19 4.21 19.20
N ILE B 29 -22.00 4.18 19.80
CA ILE B 29 -21.61 3.02 20.61
C ILE B 29 -22.64 2.67 21.69
N GLY B 30 -23.18 3.68 22.36
CA GLY B 30 -24.18 3.42 23.39
C GLY B 30 -25.63 3.49 22.94
N GLY B 31 -25.86 3.66 21.64
CA GLY B 31 -27.23 3.74 21.13
C GLY B 31 -27.69 2.47 20.43
N TYR B 32 -26.74 1.60 20.13
CA TYR B 32 -26.97 0.40 19.34
C TYR B 32 -26.00 -0.70 19.80
N ASN B 33 -26.34 -1.95 19.52
CA ASN B 33 -25.33 -3.01 19.62
C ASN B 33 -24.70 -3.17 18.25
N GLY B 34 -24.01 -2.11 17.83
CA GLY B 34 -23.64 -2.00 16.44
C GLY B 34 -22.21 -1.59 16.15
N VAL B 35 -21.32 -1.74 17.12
CA VAL B 35 -19.93 -1.35 16.84
C VAL B 35 -19.24 -2.47 16.06
N SER B 36 -18.41 -2.09 15.09
CA SER B 36 -17.65 -3.06 14.34
C SER B 36 -16.17 -2.67 14.39
N TRP B 37 -15.29 -3.64 14.14
CA TRP B 37 -13.84 -3.41 14.16
C TRP B 37 -13.19 -3.89 12.87
N TYR B 38 -12.18 -3.15 12.41
CA TYR B 38 -11.50 -3.41 11.14
C TYR B 38 -9.99 -3.44 11.32
N GLN B 39 -9.34 -4.41 10.68
CA GLN B 39 -7.88 -4.47 10.65
C GLN B 39 -7.38 -3.97 9.29
N GLN B 40 -6.40 -3.07 9.28
CA GLN B 40 -5.85 -2.63 8.02
C GLN B 40 -4.34 -2.72 7.99
N HIS B 41 -3.82 -3.59 7.14
CA HIS B 41 -2.39 -3.63 6.89
C HIS B 41 -2.04 -2.57 5.85
N SER B 42 -0.83 -2.02 5.95
CA SER B 42 -0.43 -0.93 5.05
C SER B 42 -0.62 -1.32 3.60
N GLY B 43 -1.35 -0.48 2.86
CA GLY B 43 -1.49 -0.68 1.43
C GLY B 43 -2.55 -1.68 1.00
N THR B 44 -3.40 -2.10 1.94
CA THR B 44 -4.51 -2.98 1.60
C THR B 44 -5.81 -2.48 2.22
N ALA B 45 -6.94 -3.01 1.75
CA ALA B 45 -8.23 -2.58 2.27
C ALA B 45 -8.42 -3.04 3.71
N PRO B 46 -9.22 -2.28 4.48
CA PRO B 46 -9.63 -2.72 5.81
C PRO B 46 -10.35 -4.04 5.74
N ARG B 47 -10.19 -4.84 6.79
CA ARG B 47 -10.79 -6.17 6.87
C ARG B 47 -11.67 -6.26 8.09
N LEU B 48 -12.92 -6.67 7.92
CA LEU B 48 -13.83 -6.78 9.07
C LEU B 48 -13.39 -7.88 10.05
N LEU B 49 -13.24 -7.52 11.32
CA LEU B 49 -12.87 -8.48 12.39
C LEU B 49 -14.04 -8.82 13.29
N ILE B 50 -14.78 -7.80 13.67
CA ILE B 50 -15.87 -7.91 14.66
C ILE B 50 -17.08 -7.08 14.20
N TYR B 51 -18.28 -7.62 14.35
CA TYR B 51 -19.49 -6.83 14.11
C TYR B 51 -20.50 -7.07 15.24
N GLU B 52 -21.48 -6.19 15.35
CA GLU B 52 -22.47 -6.25 16.44
C GLU B 52 -21.80 -6.48 17.80
N VAL B 53 -20.76 -5.67 18.02
CA VAL B 53 -20.01 -5.57 19.26
C VAL B 53 -19.05 -6.74 19.49
N SER B 54 -19.52 -7.97 19.29
CA SER B 54 -18.75 -9.14 19.71
C SER B 54 -18.76 -10.32 18.74
N LYS B 55 -19.46 -10.17 17.61
CA LYS B 55 -19.57 -11.29 16.68
C LYS B 55 -18.39 -11.30 15.71
N ARG B 56 -17.94 -12.50 15.37
CA ARG B 56 -16.83 -12.69 14.45
C ARG B 56 -17.30 -13.31 13.15
N PRO B 57 -16.92 -12.73 12.01
CA PRO B 57 -17.21 -13.47 10.77
C PRO B 57 -16.43 -14.79 10.69
N SER B 58 -16.93 -15.75 9.92
CA SER B 58 -16.18 -16.99 9.77
C SER B 58 -14.87 -16.64 9.10
N GLY B 59 -13.82 -17.33 9.49
CA GLY B 59 -12.51 -17.06 8.91
C GLY B 59 -11.73 -16.01 9.68
N VAL B 60 -12.36 -15.37 10.67
CA VAL B 60 -11.60 -14.49 11.56
C VAL B 60 -11.22 -15.28 12.81
N SER B 61 -9.96 -15.20 13.18
CA SER B 61 -9.38 -15.95 14.30
C SER B 61 -10.06 -15.66 15.64
N ASP B 62 -10.22 -16.71 16.46
CA ASP B 62 -10.82 -16.51 17.78
C ASP B 62 -9.88 -15.77 18.74
N ARG B 63 -8.71 -15.36 18.24
CA ARG B 63 -7.83 -14.50 19.04
C ARG B 63 -8.39 -13.08 19.15
N PHE B 64 -9.30 -12.73 18.24
CA PHE B 64 -9.97 -11.44 18.27
C PHE B 64 -11.29 -11.50 19.00
N SER B 65 -11.51 -10.58 19.92
CA SER B 65 -12.80 -10.50 20.61
C SER B 65 -13.19 -9.06 20.85
N GLY B 66 -14.49 -8.83 21.02
CA GLY B 66 -14.97 -7.48 21.22
C GLY B 66 -15.99 -7.38 22.33
N SER B 67 -16.04 -6.22 22.99
CA SER B 67 -17.01 -5.98 24.05
C SER B 67 -17.32 -4.50 24.10
N LYS B 68 -18.28 -4.14 24.95
CA LYS B 68 -18.46 -2.71 25.23
C LYS B 68 -19.04 -2.51 26.62
N SER B 69 -18.81 -1.32 27.13
CA SER B 69 -19.34 -0.90 28.41
C SER B 69 -19.69 0.56 28.29
N GLY B 70 -20.97 0.88 28.47
CA GLY B 70 -21.42 2.24 28.25
C GLY B 70 -21.12 2.67 26.84
N ASN B 71 -20.44 3.81 26.70
CA ASN B 71 -20.15 4.36 25.39
C ASN B 71 -18.74 4.08 24.89
N THR B 72 -18.07 3.11 25.53
CA THR B 72 -16.73 2.69 25.13
C THR B 72 -16.70 1.23 24.68
N ALA B 73 -16.22 1.00 23.47
CA ALA B 73 -16.05 -0.36 22.95
C ALA B 73 -14.60 -0.77 23.04
N SER B 74 -14.34 -2.07 23.13
CA SER B 74 -12.97 -2.56 23.26
C SER B 74 -12.74 -3.74 22.35
N LEU B 75 -11.61 -3.73 21.66
CA LEU B 75 -11.12 -4.88 20.93
C LEU B 75 -9.98 -5.52 21.70
N THR B 76 -10.05 -6.83 21.92
CA THR B 76 -8.94 -7.54 22.56
C THR B 76 -8.35 -8.54 21.60
N ILE B 77 -7.02 -8.56 21.53
CA ILE B 77 -6.30 -9.50 20.71
C ILE B 77 -5.41 -10.33 21.60
N SER B 78 -5.62 -11.64 21.65
CA SER B 78 -4.80 -12.50 22.49
C SER B 78 -3.69 -13.14 21.66
N GLY B 79 -2.64 -13.59 22.33
CA GLY B 79 -1.59 -14.38 21.69
C GLY B 79 -0.92 -13.67 20.53
N LEU B 80 -0.51 -12.43 20.79
CA LEU B 80 -0.02 -11.55 19.72
C LEU B 80 1.11 -12.17 18.88
N GLN B 81 0.95 -12.05 17.56
CA GLN B 81 1.94 -12.49 16.59
C GLN B 81 2.41 -11.30 15.73
N ALA B 82 3.55 -11.45 15.05
CA ALA B 82 4.08 -10.35 14.24
C ALA B 82 3.06 -9.92 13.19
N GLU B 83 2.32 -10.90 12.68
CA GLU B 83 1.25 -10.70 11.71
C GLU B 83 0.15 -9.74 12.17
N ASP B 84 -0.01 -9.56 13.47
CA ASP B 84 -1.07 -8.72 14.00
C ASP B 84 -0.75 -7.24 13.90
N GLU B 85 0.50 -6.90 13.60
CA GLU B 85 0.85 -5.50 13.47
C GLU B 85 0.04 -4.89 12.32
N ALA B 86 -0.68 -3.82 12.63
CA ALA B 86 -1.64 -3.22 11.70
C ALA B 86 -2.26 -2.00 12.35
N ASP B 87 -3.08 -1.28 11.58
CA ASP B 87 -3.94 -0.26 12.15
C ASP B 87 -5.31 -0.88 12.40
N TYR B 88 -5.90 -0.55 13.54
CA TYR B 88 -7.20 -1.08 13.93
C TYR B 88 -8.19 0.06 14.07
N TYR B 89 -9.36 -0.09 13.45
CA TYR B 89 -10.39 0.96 13.46
C TYR B 89 -11.67 0.45 14.03
N CYS B 90 -12.28 1.19 14.95
CA CYS B 90 -13.66 0.89 15.30
C CYS B 90 -14.58 1.75 14.42
N GLY B 91 -15.84 1.36 14.32
CA GLY B 91 -16.79 2.15 13.57
C GLY B 91 -18.20 1.84 14.03
N SER B 92 -19.11 2.78 13.83
CA SER B 92 -20.50 2.56 14.21
C SER B 92 -21.48 3.42 13.42
N TYR B 93 -22.67 2.87 13.18
CA TYR B 93 -23.81 3.68 12.80
C TYR B 93 -24.06 4.74 13.88
N ARG B 94 -24.56 5.91 13.47
CA ARG B 94 -24.91 6.98 14.39
C ARG B 94 -26.30 7.52 14.07
N SER B 95 -27.09 7.80 15.11
CA SER B 95 -28.45 8.31 14.94
C SER B 95 -28.52 9.44 13.93
N GLY B 96 -29.54 9.40 13.08
CA GLY B 96 -29.68 10.41 12.04
C GLY B 96 -29.16 9.93 10.70
N SER B 97 -28.98 8.61 10.59
CA SER B 97 -28.61 7.94 9.35
C SER B 97 -27.19 8.25 8.87
N THR B 98 -26.22 8.31 9.78
CA THR B 98 -24.84 8.49 9.37
C THR B 98 -23.92 7.41 9.94
N TRP B 99 -22.63 7.56 9.70
CA TRP B 99 -21.64 6.57 10.06
C TRP B 99 -20.40 7.27 10.57
N VAL B 100 -19.77 6.70 11.59
CA VAL B 100 -18.54 7.29 12.10
C VAL B 100 -17.48 6.23 12.40
N PHE B 101 -16.25 6.55 11.97
CA PHE B 101 -15.06 5.75 12.28
C PHE B 101 -14.28 6.32 13.46
N GLY B 102 -13.57 5.46 14.18
CA GLY B 102 -12.58 5.92 15.12
C GLY B 102 -11.34 6.37 14.37
N GLY B 103 -10.41 7.01 15.07
CA GLY B 103 -9.23 7.59 14.43
C GLY B 103 -8.15 6.59 14.10
N GLY B 104 -8.28 5.39 14.64
CA GLY B 104 -7.37 4.30 14.34
C GLY B 104 -6.28 4.17 15.39
N THR B 105 -5.88 2.92 15.64
CA THR B 105 -4.80 2.61 16.56
C THR B 105 -3.76 1.76 15.85
N ARG B 106 -2.51 2.21 15.86
CA ARG B 106 -1.44 1.42 15.26
C ARG B 106 -0.83 0.51 16.31
N LEU B 107 -0.86 -0.78 16.04
CA LEU B 107 -0.35 -1.78 16.97
C LEU B 107 1.06 -2.19 16.59
N THR B 108 1.99 -2.07 17.54
CA THR B 108 3.34 -2.56 17.39
C THR B 108 3.51 -3.80 18.26
N VAL B 109 4.06 -4.86 17.68
CA VAL B 109 4.31 -6.08 18.45
C VAL B 109 5.82 -6.26 18.62
N LEU B 110 6.28 -6.20 19.87
CA LEU B 110 7.70 -6.22 20.14
C LEU B 110 8.19 -7.64 20.42
N GLY B 111 9.50 -7.83 20.41
CA GLY B 111 10.08 -9.11 20.79
C GLY B 111 10.47 -9.97 19.61
N GLN B 112 10.19 -9.48 18.40
CA GLN B 112 10.55 -10.20 17.20
C GLN B 112 12.07 -10.29 17.04
N PRO B 113 12.56 -11.36 16.41
CA PRO B 113 14.02 -11.57 16.27
C PRO B 113 14.71 -10.56 15.38
N LYS B 114 15.91 -10.15 15.76
CA LYS B 114 16.73 -9.28 14.91
C LYS B 114 17.15 -10.01 13.64
N ALA B 115 17.26 -9.26 12.55
CA ALA B 115 17.69 -9.81 11.27
C ALA B 115 18.53 -8.78 10.53
N SER B 116 19.69 -9.23 10.02
CA SER B 116 20.58 -8.38 9.25
C SER B 116 20.10 -8.25 7.82
N PRO B 117 20.35 -7.11 7.19
CA PRO B 117 19.90 -6.86 5.80
C PRO B 117 20.72 -7.58 4.76
N THR B 118 20.05 -7.99 3.70
CA THR B 118 20.70 -8.41 2.47
C THR B 118 20.76 -7.17 1.62
N VAL B 119 21.91 -6.92 1.00
CA VAL B 119 22.09 -5.72 0.16
C VAL B 119 22.44 -6.15 -1.26
N THR B 120 21.65 -5.67 -2.22
CA THR B 120 21.86 -5.98 -3.61
C THR B 120 22.05 -4.65 -4.34
N LEU B 121 23.20 -4.47 -4.99
CA LEU B 121 23.52 -3.17 -5.60
C LEU B 121 23.75 -3.34 -7.09
N PHE B 122 22.95 -2.65 -7.91
CA PHE B 122 23.10 -2.72 -9.36
C PHE B 122 23.69 -1.44 -9.91
N PRO B 123 24.57 -1.57 -10.92
CA PRO B 123 25.11 -0.43 -11.65
C PRO B 123 24.10 0.08 -12.68
N PRO B 124 24.40 1.22 -13.31
CA PRO B 124 23.51 1.69 -14.39
C PRO B 124 23.52 0.77 -15.59
N SER B 125 22.40 0.75 -16.32
CA SER B 125 22.31 0.05 -17.58
C SER B 125 22.96 0.84 -18.71
N SER B 126 23.41 0.14 -19.75
CA SER B 126 23.96 0.78 -20.94
C SER B 126 23.01 1.83 -21.49
N GLU B 127 21.74 1.49 -21.56
CA GLU B 127 20.76 2.37 -22.20
C GLU B 127 20.52 3.67 -21.42
N GLU B 128 20.51 3.59 -20.09
CA GLU B 128 20.31 4.80 -19.31
C GLU B 128 21.49 5.74 -19.51
N LEU B 129 22.67 5.15 -19.59
CA LEU B 129 23.91 5.90 -19.81
C LEU B 129 23.88 6.67 -21.13
N GLN B 130 23.20 6.13 -22.14
CA GLN B 130 23.12 6.80 -23.43
C GLN B 130 22.26 8.06 -23.33
N ALA B 131 21.46 8.14 -22.27
CA ALA B 131 20.62 9.30 -22.01
C ALA B 131 21.33 10.27 -21.06
N ASN B 132 22.64 10.05 -20.88
CA ASN B 132 23.49 10.88 -20.03
C ASN B 132 23.11 10.84 -18.57
N LYS B 133 22.44 9.76 -18.17
CA LYS B 133 22.03 9.56 -16.77
C LYS B 133 22.58 8.26 -16.22
N ALA B 134 22.71 8.19 -14.90
CA ALA B 134 23.16 6.97 -14.26
C ALA B 134 22.48 6.85 -12.91
N THR B 135 21.70 5.78 -12.74
CA THR B 135 21.03 5.52 -11.47
C THR B 135 21.60 4.25 -10.86
N LEU B 136 22.11 4.37 -9.63
CA LEU B 136 22.60 3.20 -8.92
C LEU B 136 21.49 2.77 -7.98
N VAL B 137 21.22 1.47 -7.94
CA VAL B 137 20.04 0.95 -7.26
C VAL B 137 20.48 -0.01 -6.15
N CYS B 138 20.21 0.39 -4.91
CA CYS B 138 20.64 -0.34 -3.72
C CYS B 138 19.40 -0.91 -3.05
N LEU B 139 19.21 -2.22 -3.15
CA LEU B 139 17.98 -2.86 -2.66
C LEU B 139 18.30 -3.55 -1.35
N ILE B 140 17.51 -3.25 -0.32
CA ILE B 140 17.85 -3.71 1.03
C ILE B 140 16.70 -4.55 1.55
N SER B 141 16.97 -5.79 1.95
CA SER B 141 15.87 -6.69 2.26
C SER B 141 16.13 -7.58 3.47
N ASP B 142 15.04 -8.14 3.99
CA ASP B 142 15.08 -9.14 5.05
C ASP B 142 15.73 -8.66 6.35
N PHE B 143 15.47 -7.41 6.77
CA PHE B 143 16.02 -6.93 8.03
C PHE B 143 14.95 -6.65 9.10
N TYR B 144 15.36 -6.72 10.35
CA TYR B 144 14.51 -6.36 11.49
C TYR B 144 15.39 -5.86 12.63
N PRO B 145 14.97 -4.79 13.35
CA PRO B 145 13.78 -3.95 13.16
C PRO B 145 13.86 -3.13 11.89
N GLY B 146 12.76 -2.45 11.55
CA GLY B 146 12.67 -1.75 10.27
C GLY B 146 13.33 -0.39 10.27
N VAL B 147 14.62 -0.36 10.57
CA VAL B 147 15.41 0.86 10.55
C VAL B 147 16.80 0.56 9.99
N VAL B 148 17.22 1.32 8.98
CA VAL B 148 18.58 1.21 8.48
C VAL B 148 19.13 2.59 8.19
N LYS B 149 20.45 2.71 8.16
CA LYS B 149 21.07 3.94 7.72
C LYS B 149 21.93 3.68 6.48
N VAL B 150 21.76 4.49 5.45
CA VAL B 150 22.45 4.26 4.18
C VAL B 150 23.42 5.41 3.93
N ALA B 151 24.65 5.07 3.59
CA ALA B 151 25.66 6.05 3.23
C ALA B 151 26.23 5.65 1.88
N TRP B 152 26.19 6.58 0.93
CA TRP B 152 26.79 6.33 -0.37
C TRP B 152 28.20 6.92 -0.43
N LYS B 153 29.07 6.25 -1.17
CA LYS B 153 30.45 6.69 -1.30
C LYS B 153 30.84 6.66 -2.78
N ALA B 154 31.72 7.60 -3.15
CA ALA B 154 32.36 7.60 -4.45
C ALA B 154 33.86 7.60 -4.22
N ASP B 155 34.54 6.54 -4.64
CA ASP B 155 35.96 6.35 -4.30
C ASP B 155 36.20 6.53 -2.80
N GLY B 156 35.26 6.05 -2.00
CA GLY B 156 35.44 6.09 -0.56
C GLY B 156 35.06 7.39 0.13
N SER B 157 34.79 8.44 -0.64
CA SER B 157 34.39 9.72 -0.05
C SER B 157 32.87 9.87 -0.07
N ALA B 158 32.34 10.53 0.94
CA ALA B 158 30.90 10.62 1.14
C ALA B 158 30.20 11.35 0.00
N VAL B 159 29.13 10.73 -0.49
CA VAL B 159 28.23 11.34 -1.48
C VAL B 159 26.93 11.73 -0.79
N ASN B 160 26.58 13.01 -0.87
CA ASN B 160 25.37 13.46 -0.20
C ASN B 160 24.26 13.91 -1.17
N ALA B 161 24.66 14.52 -2.28
CA ALA B 161 23.70 14.96 -3.28
C ALA B 161 23.16 13.79 -4.09
N GLY B 162 21.89 13.86 -4.49
CA GLY B 162 21.30 12.90 -5.41
C GLY B 162 20.85 11.57 -4.84
N VAL B 163 20.72 11.50 -3.52
CA VAL B 163 20.31 10.27 -2.87
C VAL B 163 18.84 10.34 -2.46
N GLU B 164 18.09 9.25 -2.68
CA GLU B 164 16.72 9.14 -2.17
C GLU B 164 16.55 7.74 -1.59
N THR B 165 16.08 7.66 -0.35
CA THR B 165 16.00 6.38 0.35
C THR B 165 14.59 6.20 0.89
N THR B 166 13.98 5.04 0.68
CA THR B 166 12.60 4.84 1.11
C THR B 166 12.49 4.48 2.59
N THR B 167 11.32 4.77 3.15
CA THR B 167 10.98 4.29 4.49
C THR B 167 10.74 2.78 4.40
N PRO B 168 11.32 2.00 5.33
CA PRO B 168 11.13 0.54 5.25
C PRO B 168 9.68 0.10 5.31
N SER B 169 9.34 -0.97 4.60
CA SER B 169 8.00 -1.52 4.60
C SER B 169 8.09 -3.02 4.81
N LYS B 170 7.06 -3.60 5.44
CA LYS B 170 7.09 -5.03 5.74
C LYS B 170 6.92 -5.88 4.50
N GLN B 171 7.74 -6.90 4.40
CA GLN B 171 7.60 -7.97 3.42
C GLN B 171 6.56 -8.99 3.91
N SER B 172 6.20 -9.93 3.05
CA SER B 172 5.23 -10.94 3.45
C SER B 172 5.76 -11.80 4.62
N ASN B 173 7.09 -11.84 4.77
CA ASN B 173 7.66 -12.66 5.84
C ASN B 173 7.89 -11.87 7.12
N ASN B 174 7.30 -10.67 7.17
CA ASN B 174 7.33 -9.81 8.36
C ASN B 174 8.70 -9.24 8.71
N LYS B 175 9.65 -9.39 7.80
CA LYS B 175 10.87 -8.61 7.90
C LYS B 175 10.66 -7.39 7.00
N TYR B 176 11.64 -6.49 6.98
CA TYR B 176 11.48 -5.24 6.24
C TYR B 176 12.34 -5.15 4.98
N ALA B 177 11.91 -4.26 4.07
CA ALA B 177 12.67 -3.95 2.86
C ALA B 177 12.70 -2.45 2.65
N ALA B 178 13.76 -1.96 2.02
CA ALA B 178 13.87 -0.55 1.66
C ALA B 178 14.75 -0.46 0.44
N SER B 179 14.77 0.70 -0.21
CA SER B 179 15.71 0.86 -1.30
C SER B 179 16.27 2.28 -1.29
N SER B 180 17.48 2.40 -1.85
CA SER B 180 18.13 3.69 -1.94
C SER B 180 18.62 3.86 -3.36
N TYR B 181 18.42 5.05 -3.90
CA TYR B 181 18.79 5.36 -5.27
C TYR B 181 19.79 6.50 -5.27
N LEU B 182 20.87 6.33 -6.03
CA LEU B 182 21.78 7.43 -6.27
C LEU B 182 21.68 7.83 -7.74
N SER B 183 21.20 9.05 -7.97
CA SER B 183 21.03 9.61 -9.30
C SER B 183 22.26 10.43 -9.68
N LEU B 184 22.92 10.02 -10.75
CA LEU B 184 24.12 10.70 -11.24
C LEU B 184 23.97 11.06 -12.70
N THR B 185 24.89 11.87 -13.20
CA THR B 185 25.06 12.00 -14.64
C THR B 185 25.99 10.88 -15.10
N SER B 186 26.01 10.61 -16.40
CA SER B 186 26.91 9.59 -16.92
C SER B 186 28.35 10.03 -16.72
N ASP B 187 28.61 11.32 -16.86
CA ASP B 187 29.95 11.85 -16.65
C ASP B 187 30.42 11.60 -15.23
N GLN B 188 29.53 11.81 -14.26
CA GLN B 188 29.84 11.55 -12.87
C GLN B 188 30.19 10.08 -12.64
N TRP B 189 29.35 9.20 -13.18
CA TRP B 189 29.57 7.76 -13.12
C TRP B 189 30.95 7.37 -13.65
N LYS B 190 31.31 7.87 -14.83
CA LYS B 190 32.54 7.46 -15.50
C LYS B 190 33.81 8.09 -14.93
N SER B 191 33.66 9.10 -14.07
CA SER B 191 34.82 9.82 -13.55
C SER B 191 35.34 9.28 -12.21
N HIS B 192 34.70 8.24 -11.68
CA HIS B 192 35.15 7.61 -10.45
C HIS B 192 35.50 6.16 -10.69
N LYS B 193 36.39 5.61 -9.86
CA LYS B 193 36.78 4.22 -10.02
C LYS B 193 35.69 3.30 -9.51
N SER B 194 34.95 3.76 -8.51
CA SER B 194 33.89 2.96 -7.92
C SER B 194 32.89 3.77 -7.11
N TYR B 195 31.70 3.21 -6.94
CA TYR B 195 30.69 3.75 -6.03
C TYR B 195 30.29 2.66 -5.05
N SER B 196 29.92 3.07 -3.85
N SER B 196 29.95 3.06 -3.84
CA SER B 196 29.55 2.09 -2.84
CA SER B 196 29.58 2.11 -2.80
C SER B 196 28.25 2.47 -2.12
C SER B 196 28.25 2.47 -2.14
N CYS B 197 27.45 1.45 -1.84
CA CYS B 197 26.26 1.59 -1.03
C CYS B 197 26.58 0.90 0.29
N GLN B 198 26.57 1.65 1.39
CA GLN B 198 26.86 1.08 2.70
C GLN B 198 25.65 1.15 3.61
N VAL B 199 25.17 0.00 4.05
CA VAL B 199 23.97 -0.10 4.87
C VAL B 199 24.28 -0.49 6.30
N THR B 200 23.91 0.36 7.26
CA THR B 200 24.21 0.09 8.66
C THR B 200 22.92 -0.26 9.39
N HIS B 201 22.99 -1.32 10.19
CA HIS B 201 21.84 -1.82 10.90
C HIS B 201 22.34 -2.44 12.18
N GLU B 202 21.81 -2.00 13.32
CA GLU B 202 22.17 -2.56 14.63
C GLU B 202 23.68 -2.59 14.85
N GLY B 203 24.39 -1.58 14.35
CA GLY B 203 25.81 -1.46 14.62
C GLY B 203 26.72 -2.21 13.65
N SER B 204 26.12 -2.93 12.72
CA SER B 204 26.89 -3.65 11.70
C SER B 204 26.64 -3.03 10.34
N THR B 205 27.61 -3.15 9.44
CA THR B 205 27.53 -2.50 8.14
C THR B 205 27.82 -3.46 7.00
N VAL B 206 26.99 -3.40 5.96
CA VAL B 206 27.25 -4.14 4.75
C VAL B 206 27.56 -3.14 3.65
N GLU B 207 28.72 -3.29 3.02
CA GLU B 207 29.13 -2.41 1.95
C GLU B 207 29.23 -3.17 0.63
N LYS B 208 28.51 -2.70 -0.38
CA LYS B 208 28.62 -3.25 -1.73
C LYS B 208 29.14 -2.16 -2.67
N THR B 209 29.96 -2.57 -3.63
CA THR B 209 30.61 -1.65 -4.56
C THR B 209 30.26 -2.02 -6.00
N VAL B 210 30.10 -1.00 -6.86
CA VAL B 210 30.03 -1.23 -8.29
C VAL B 210 30.99 -0.28 -9.02
N ALA B 211 31.33 -0.65 -10.25
CA ALA B 211 32.31 0.11 -11.03
C ALA B 211 31.89 0.13 -12.50
N PRO B 212 32.24 1.21 -13.22
CA PRO B 212 31.94 1.34 -14.64
C PRO B 212 32.41 0.15 -15.49
N ALA B 213 33.49 -0.50 -15.08
CA ALA B 213 34.03 -1.65 -15.81
C ALA B 213 34.24 -1.36 -17.30
CL CL C . 24.47 -7.36 -5.69
#